data_4GNE
#
_entry.id   4GNE
#
_cell.length_a   57.200
_cell.length_b   57.200
_cell.length_c   107.440
_cell.angle_alpha   90.000
_cell.angle_beta   90.000
_cell.angle_gamma   120.000
#
_symmetry.space_group_name_H-M   'P 65 2 2'
#
loop_
_entity.id
_entity.type
_entity.pdbx_description
1 polymer 'Histone-lysine N-methyltransferase NSD3'
2 polymer 'Histone H3.3'
3 non-polymer 'ZINC ION'
4 water water
#
loop_
_entity_poly.entity_id
_entity_poly.type
_entity_poly.pdbx_seq_one_letter_code
_entity_poly.pdbx_strand_id
1 'polypeptide(L)'
;SNARKIKTEPKQMHEDYCFQCGDGGELVMCDKKDCPKAYHLLCLNLTQPPYGKWECPWHQCDECSSAAVSFCEFCPHSFC
KDHEKGALVPSALEGRLCCSEHDPMAP
;
A
2 'polypeptide(L)' ARTKQTA B
#
loop_
_chem_comp.id
_chem_comp.type
_chem_comp.name
_chem_comp.formula
ZN non-polymer 'ZINC ION' 'Zn 2'
#
# COMPACT_ATOMS: atom_id res chain seq x y z
N PRO A 10 -21.75 1.09 -0.51
CA PRO A 10 -21.85 1.58 0.86
C PRO A 10 -20.50 1.67 1.54
N LYS A 11 -20.37 2.65 2.43
CA LYS A 11 -19.12 2.95 3.09
C LYS A 11 -18.53 1.74 3.84
N GLN A 12 -17.29 1.40 3.51
CA GLN A 12 -16.52 0.42 4.25
C GLN A 12 -15.14 1.01 4.51
N MET A 13 -14.43 0.52 5.52
CA MET A 13 -13.16 1.18 5.86
C MET A 13 -11.97 0.76 5.00
N HIS A 14 -12.04 -0.44 4.41
CA HIS A 14 -10.95 -0.92 3.53
C HIS A 14 -11.40 -1.13 2.11
N GLU A 15 -10.45 -0.99 1.19
CA GLU A 15 -10.67 -1.21 -0.23
C GLU A 15 -11.03 -2.65 -0.61
N ASP A 16 -11.57 -2.83 -1.80
CA ASP A 16 -12.01 -4.14 -2.29
C ASP A 16 -10.99 -4.88 -3.16
N TYR A 17 -9.83 -4.27 -3.37
CA TYR A 17 -8.83 -4.82 -4.28
C TYR A 17 -7.48 -4.81 -3.61
N CYS A 18 -6.61 -5.75 -3.99
CA CYS A 18 -5.27 -5.83 -3.44
C CYS A 18 -4.46 -4.64 -3.90
N PHE A 19 -3.80 -3.97 -2.97
CA PHE A 19 -3.04 -2.75 -3.31
C PHE A 19 -1.78 -3.11 -4.11
N GLN A 20 -1.31 -4.34 -3.97
CA GLN A 20 -0.15 -4.77 -4.73
C GLN A 20 -0.46 -5.10 -6.19
N CYS A 21 -1.45 -5.96 -6.43
CA CYS A 21 -1.70 -6.49 -7.79
C CYS A 21 -3.00 -5.99 -8.41
N GLY A 22 -3.86 -5.37 -7.62
CA GLY A 22 -5.10 -4.80 -8.15
C GLY A 22 -6.29 -5.74 -8.30
N ASP A 23 -6.09 -7.04 -8.09
CA ASP A 23 -7.17 -8.01 -8.17
C ASP A 23 -7.91 -8.16 -6.85
N GLY A 24 -9.15 -8.63 -6.94
CA GLY A 24 -9.95 -8.94 -5.76
C GLY A 24 -9.68 -10.33 -5.22
N GLY A 25 -10.50 -10.72 -4.25
CA GLY A 25 -10.41 -12.04 -3.64
C GLY A 25 -10.34 -11.95 -2.14
N GLU A 26 -9.52 -12.80 -1.54
CA GLU A 26 -9.34 -12.85 -0.09
C GLU A 26 -8.17 -11.93 0.26
N LEU A 27 -8.47 -10.92 1.07
CA LEU A 27 -7.51 -9.85 1.32
C LEU A 27 -7.33 -9.65 2.80
N VAL A 28 -6.08 -9.55 3.23
N VAL A 28 -6.08 -9.56 3.24
CA VAL A 28 -5.77 -9.18 4.60
CA VAL A 28 -5.78 -9.20 4.62
C VAL A 28 -5.88 -7.65 4.71
C VAL A 28 -5.82 -7.67 4.76
N MET A 29 -6.53 -7.19 5.78
CA MET A 29 -6.76 -5.76 5.98
C MET A 29 -5.72 -5.14 6.91
N CYS A 30 -5.19 -3.98 6.53
CA CYS A 30 -4.22 -3.27 7.37
C CYS A 30 -4.85 -2.79 8.68
N ASP A 31 -4.13 -2.98 9.80
CA ASP A 31 -4.62 -2.52 11.12
C ASP A 31 -4.21 -1.09 11.48
N LYS A 32 -3.34 -0.46 10.68
CA LYS A 32 -2.90 0.91 10.97
C LYS A 32 -4.11 1.83 10.97
N LYS A 33 -4.22 2.68 12.00
CA LYS A 33 -5.31 3.63 12.07
C LYS A 33 -5.44 4.38 10.74
N ASP A 34 -6.67 4.41 10.22
CA ASP A 34 -7.04 5.16 9.00
C ASP A 34 -6.49 4.61 7.68
N CYS A 35 -5.84 3.44 7.72
CA CYS A 35 -5.34 2.82 6.48
C CYS A 35 -6.39 1.93 5.82
N PRO A 36 -6.74 2.22 4.56
CA PRO A 36 -7.76 1.42 3.89
C PRO A 36 -7.20 0.25 3.07
N LYS A 37 -5.89 0.03 3.13
CA LYS A 37 -5.30 -0.93 2.19
C LYS A 37 -5.48 -2.39 2.62
N ALA A 38 -5.60 -3.25 1.61
CA ALA A 38 -5.82 -4.69 1.80
C ALA A 38 -5.02 -5.44 0.73
N TYR A 39 -4.63 -6.69 1.02
CA TYR A 39 -3.64 -7.39 0.18
C TYR A 39 -3.87 -8.89 0.16
N HIS A 40 -3.56 -9.54 -0.96
CA HIS A 40 -3.47 -11.01 -0.95
C HIS A 40 -2.31 -11.44 -0.09
N LEU A 41 -2.48 -12.56 0.59
CA LEU A 41 -1.37 -13.13 1.35
C LEU A 41 -0.17 -13.43 0.46
N LEU A 42 -0.46 -13.97 -0.72
CA LEU A 42 0.60 -14.34 -1.64
C LEU A 42 1.40 -13.13 -2.10
N CYS A 43 0.72 -11.99 -2.24
CA CYS A 43 1.35 -10.76 -2.74
C CYS A 43 2.28 -10.12 -1.72
N LEU A 44 2.09 -10.45 -0.46
CA LEU A 44 2.96 -9.96 0.62
C LEU A 44 3.98 -11.01 1.03
N ASN A 45 3.93 -12.19 0.39
CA ASN A 45 4.76 -13.34 0.74
C ASN A 45 4.53 -13.83 2.17
N LEU A 46 3.31 -13.62 2.64
CA LEU A 46 2.85 -14.20 3.90
C LEU A 46 2.22 -15.56 3.61
N THR A 47 2.40 -16.50 4.54
CA THR A 47 1.89 -17.86 4.40
C THR A 47 0.49 -18.09 5.02
N GLN A 48 0.18 -17.32 6.05
CA GLN A 48 -1.08 -17.40 6.82
C GLN A 48 -1.45 -15.97 7.18
N PRO A 49 -2.76 -15.67 7.46
CA PRO A 49 -3.00 -14.32 7.95
C PRO A 49 -2.19 -14.11 9.22
N PRO A 50 -1.57 -12.93 9.36
CA PRO A 50 -0.80 -12.65 10.56
C PRO A 50 -1.65 -12.81 11.80
N TYR A 51 -1.01 -13.28 12.88
N TYR A 51 -1.01 -13.25 12.88
CA TYR A 51 -1.61 -13.32 14.20
CA TYR A 51 -1.69 -13.35 14.15
C TYR A 51 -1.63 -11.91 14.77
C TYR A 51 -1.61 -12.01 14.89
N GLY A 52 -2.75 -11.50 15.34
CA GLY A 52 -2.82 -10.21 16.02
C GLY A 52 -2.58 -9.05 15.08
N LYS A 53 -2.02 -7.98 15.62
CA LYS A 53 -1.90 -6.71 14.91
C LYS A 53 -0.94 -6.83 13.72
N TRP A 54 -1.36 -6.31 12.57
CA TRP A 54 -0.51 -6.24 11.39
C TRP A 54 -0.66 -4.93 10.69
N GLU A 55 0.46 -4.22 10.49
CA GLU A 55 0.46 -2.98 9.70
C GLU A 55 1.13 -3.23 8.35
N CYS A 56 0.51 -2.73 7.29
CA CYS A 56 0.94 -3.03 5.93
C CYS A 56 2.22 -2.28 5.54
N PRO A 57 2.81 -2.63 4.38
CA PRO A 57 4.12 -2.06 4.07
C PRO A 57 4.09 -0.59 3.66
N TRP A 58 2.89 -0.03 3.48
CA TRP A 58 2.79 1.38 3.09
C TRP A 58 3.33 2.31 4.16
N HIS A 59 3.41 1.84 5.41
CA HIS A 59 3.81 2.71 6.54
C HIS A 59 5.27 2.80 6.79
N GLN A 60 6.06 1.94 6.16
N GLN A 60 6.03 1.94 6.12
CA GLN A 60 7.50 1.98 6.37
CA GLN A 60 7.49 1.84 6.28
C GLN A 60 8.22 2.27 5.08
C GLN A 60 8.20 2.29 5.03
N CYS A 61 9.26 3.07 5.20
CA CYS A 61 10.10 3.44 4.07
C CYS A 61 10.75 2.20 3.42
N ASP A 62 10.61 2.05 2.10
CA ASP A 62 11.17 0.88 1.44
C ASP A 62 12.68 0.89 1.35
N GLU A 63 13.29 2.05 1.55
CA GLU A 63 14.75 2.13 1.60
C GLU A 63 15.34 1.71 2.94
N CYS A 64 14.69 2.10 4.05
CA CYS A 64 15.34 2.02 5.37
C CYS A 64 14.46 1.59 6.54
N SER A 65 13.18 1.35 6.30
CA SER A 65 12.24 0.95 7.37
C SER A 65 11.72 2.07 8.29
N SER A 66 12.27 3.28 8.19
CA SER A 66 11.80 4.40 9.02
C SER A 66 10.35 4.74 8.65
N ALA A 67 9.66 5.44 9.54
CA ALA A 67 8.26 5.80 9.28
C ALA A 67 8.08 6.57 7.98
N ALA A 68 7.15 6.12 7.14
CA ALA A 68 6.88 6.81 5.89
C ALA A 68 6.13 8.14 6.08
N VAL A 69 6.51 9.11 5.26
CA VAL A 69 5.81 10.41 5.20
C VAL A 69 5.24 10.75 3.82
N SER A 70 5.73 10.04 2.80
CA SER A 70 5.24 10.22 1.43
CA SER A 70 5.28 10.23 1.41
C SER A 70 4.94 8.86 0.85
N PHE A 71 3.87 8.79 0.04
CA PHE A 71 3.22 7.51 -0.31
C PHE A 71 2.91 7.40 -1.81
N CYS A 72 3.36 6.32 -2.44
CA CYS A 72 2.88 6.03 -3.78
C CYS A 72 1.38 5.77 -3.71
N GLU A 73 0.63 6.32 -4.67
CA GLU A 73 -0.82 6.08 -4.68
C GLU A 73 -1.22 4.80 -5.44
N PHE A 74 -0.22 4.08 -5.97
CA PHE A 74 -0.49 2.92 -6.82
C PHE A 74 0.07 1.60 -6.33
N CYS A 75 0.93 1.65 -5.32
CA CYS A 75 1.52 0.46 -4.73
C CYS A 75 2.05 0.82 -3.35
N PRO A 76 2.44 -0.19 -2.55
CA PRO A 76 2.84 0.11 -1.16
C PRO A 76 4.21 0.77 -0.98
N HIS A 77 4.90 1.14 -2.05
CA HIS A 77 6.15 1.89 -1.89
C HIS A 77 5.88 3.22 -1.25
N SER A 78 6.73 3.57 -0.30
CA SER A 78 6.60 4.80 0.47
C SER A 78 7.95 5.17 1.05
N PHE A 79 8.06 6.40 1.56
CA PHE A 79 9.35 7.02 1.79
C PHE A 79 9.35 7.85 3.07
N CYS A 80 10.39 7.70 3.89
CA CYS A 80 10.57 8.52 5.09
C CYS A 80 11.06 9.91 4.72
N LYS A 81 11.21 10.76 5.72
CA LYS A 81 11.63 12.14 5.48
C LYS A 81 12.98 12.25 4.79
N ASP A 82 13.85 11.26 5.01
CA ASP A 82 15.18 11.28 4.42
C ASP A 82 15.19 10.88 2.94
N HIS A 83 14.21 10.08 2.52
CA HIS A 83 14.26 9.42 1.22
C HIS A 83 13.13 9.80 0.30
N GLU A 84 12.30 10.75 0.70
N GLU A 84 12.30 10.75 0.70
CA GLU A 84 11.09 11.08 -0.05
CA GLU A 84 11.09 11.09 -0.04
C GLU A 84 11.27 12.07 -1.21
C GLU A 84 11.31 12.04 -1.22
N LYS A 85 12.27 12.94 -1.12
CA LYS A 85 12.46 13.92 -2.18
C LYS A 85 12.83 13.24 -3.51
N GLY A 86 12.04 13.54 -4.54
CA GLY A 86 12.22 12.95 -5.85
C GLY A 86 11.65 11.54 -6.01
N ALA A 87 10.97 11.03 -4.99
CA ALA A 87 10.45 9.67 -5.01
C ALA A 87 9.19 9.48 -5.83
N LEU A 88 8.40 10.54 -5.97
CA LEU A 88 7.08 10.45 -6.59
C LEU A 88 6.92 11.54 -7.62
N VAL A 89 6.22 11.21 -8.70
CA VAL A 89 5.85 12.20 -9.72
C VAL A 89 4.36 12.10 -10.01
N PRO A 90 3.74 13.18 -10.50
CA PRO A 90 2.32 13.06 -10.87
C PRO A 90 2.11 12.13 -12.06
N SER A 91 0.96 11.49 -12.07
CA SER A 91 0.56 10.60 -13.16
C SER A 91 -0.61 11.16 -13.95
N ALA A 92 -0.88 10.53 -15.08
CA ALA A 92 -1.99 10.95 -15.93
C ALA A 92 -3.37 10.68 -15.32
N LEU A 93 -3.43 9.83 -14.29
N LEU A 93 -3.44 9.82 -14.30
CA LEU A 93 -4.68 9.57 -13.60
CA LEU A 93 -4.71 9.57 -13.62
C LEU A 93 -4.90 10.62 -12.52
C LEU A 93 -4.92 10.61 -12.52
N GLU A 94 -5.51 11.74 -12.92
CA GLU A 94 -5.87 12.83 -12.00
C GLU A 94 -4.68 13.46 -11.26
N GLY A 95 -3.48 13.27 -11.79
CA GLY A 95 -2.28 13.81 -11.15
C GLY A 95 -1.83 13.00 -9.95
N ARG A 96 -2.47 11.84 -9.70
CA ARG A 96 -2.13 11.02 -8.53
C ARG A 96 -0.66 10.64 -8.59
N LEU A 97 0.01 10.68 -7.45
CA LEU A 97 1.46 10.50 -7.40
C LEU A 97 1.87 9.04 -7.52
N CYS A 98 2.90 8.79 -8.31
CA CYS A 98 3.41 7.44 -8.48
C CYS A 98 4.92 7.34 -8.32
N CYS A 99 5.34 6.19 -7.82
CA CYS A 99 6.76 5.88 -7.65
C CYS A 99 7.37 5.35 -8.96
N SER A 100 8.65 5.02 -8.92
CA SER A 100 9.38 4.67 -10.14
C SER A 100 8.94 3.35 -10.78
N GLU A 101 8.14 2.55 -10.07
CA GLU A 101 7.63 1.29 -10.62
C GLU A 101 6.58 1.47 -11.73
N HIS A 102 6.11 2.70 -11.93
CA HIS A 102 4.99 2.93 -12.84
C HIS A 102 5.35 3.84 -13.96
N ASP A 103 4.71 3.61 -15.10
CA ASP A 103 4.69 4.55 -16.23
C ASP A 103 3.70 5.65 -15.86
N PRO A 104 4.18 6.88 -15.63
CA PRO A 104 3.21 7.92 -15.25
C PRO A 104 2.08 8.18 -16.28
N MET A 105 2.26 7.82 -17.55
CA MET A 105 1.17 7.91 -18.54
C MET A 105 0.10 6.83 -18.44
N ALA A 106 0.45 5.73 -17.79
CA ALA A 106 -0.47 4.60 -17.63
C ALA A 106 -0.11 3.87 -16.35
N PRO A 107 -0.37 4.50 -15.20
CA PRO A 107 0.06 3.92 -13.93
C PRO A 107 -0.88 2.80 -13.48
N ALA B 1 -4.81 -10.68 12.63
CA ALA B 1 -5.23 -9.78 11.53
C ALA B 1 -6.40 -10.38 10.77
N ARG B 2 -7.23 -9.50 10.20
CA ARG B 2 -8.51 -9.86 9.58
C ARG B 2 -8.44 -9.96 8.08
N THR B 3 -9.37 -10.71 7.50
CA THR B 3 -9.56 -10.71 6.06
C THR B 3 -10.95 -10.24 5.64
N LYS B 4 -11.04 -9.84 4.38
CA LYS B 4 -12.31 -9.57 3.75
C LYS B 4 -12.33 -10.33 2.42
N GLN B 5 -13.51 -10.49 1.86
CA GLN B 5 -13.68 -11.20 0.61
C GLN B 5 -14.38 -10.29 -0.37
N THR B 6 -13.84 -10.20 -1.58
CA THR B 6 -14.47 -9.43 -2.66
C THR B 6 -14.67 -10.27 -3.92
ZN ZN C . -2.58 -9.23 -4.82
ZN ZN D . -1.68 0.18 5.89
ZN ZN E . 4.30 2.58 -6.66
ZN ZN F . 13.95 5.95 4.45
#